data_7VM9
#
_entry.id   7VM9
#
loop_
_entity.id
_entity.type
_entity.pdbx_description
1 polymer "DNA (5'-D(*CP*TP*TP*TP*GP*CP*TP*TP*TP*G)-3')"
2 non-polymer 'SODIUM ION'
#
_entity_poly.entity_id   1
_entity_poly.type   'polydeoxyribonucleotide'
_entity_poly.pdbx_seq_one_letter_code
;(DC)(DT)(DT)(DT)(DG)(DC)(DT)(DT)(DT)(DG)
;
_entity_poly.pdbx_strand_id   A
#
loop_
_chem_comp.id
_chem_comp.type
_chem_comp.name
_chem_comp.formula
DC DNA linking 2'-DEOXYCYTIDINE-5'-MONOPHOSPHATE 'C9 H14 N3 O7 P'
DG DNA linking 2'-DEOXYGUANOSINE-5'-MONOPHOSPHATE 'C10 H14 N5 O7 P'
DT DNA linking THYMIDINE-5'-MONOPHOSPHATE 'C10 H15 N2 O8 P'
NA non-polymer 'SODIUM ION' 'Na 1'
#
# COMPACT_ATOMS: atom_id res chain seq x y z
NA NA B . -13.20 3.72 -0.81
NA NA C . -0.58 7.99 0.68
NA NA D . 3.04 -9.45 4.51
NA NA E . 9.32 -2.63 -7.23
NA NA F . 3.53 -4.73 -9.00
NA NA G . -6.67 -2.30 -3.94
NA NA H . 7.55 2.92 3.44
NA NA I . -9.19 3.49 2.17
NA NA J . -5.59 -2.83 5.79
NA NA B . -7.72 -0.27 -5.25
NA NA C . -0.77 7.24 1.56
NA NA D . 5.69 -7.92 3.50
NA NA E . 8.71 -3.77 -7.56
NA NA F . 2.46 -3.41 -8.65
NA NA G . -5.13 2.83 1.46
NA NA H . 9.15 2.69 3.08
NA NA I . -0.16 -1.59 6.85
NA NA J . -7.85 2.42 5.45
NA NA B . -8.00 0.34 -5.24
NA NA C . -0.72 7.53 1.62
NA NA D . -5.50 -4.49 4.76
NA NA E . 8.48 -1.94 -7.78
NA NA F . 9.04 -5.54 -5.66
NA NA G . -5.33 3.60 1.75
NA NA H . 7.83 2.38 2.93
NA NA I . 5.78 -8.22 3.15
NA NA J . 0.58 -1.65 6.42
NA NA B . -11.10 4.08 -5.30
NA NA C . -0.88 7.32 1.83
NA NA D . -6.08 3.80 3.06
NA NA E . 9.26 -5.54 -5.06
NA NA F . 5.50 -4.12 -9.82
NA NA G . -5.53 0.45 0.17
NA NA H . 10.07 4.67 0.75
NA NA I . 6.33 -3.56 1.14
NA NA J . 0.54 -1.86 6.69
NA NA B . -12.17 4.58 -3.98
NA NA C . -0.69 7.59 1.42
NA NA D . -1.58 -1.76 7.58
NA NA E . 8.65 -6.62 -4.92
NA NA F . 8.37 -2.36 -7.69
NA NA G . -6.78 -2.69 -3.87
NA NA H . 7.45 2.03 3.53
NA NA I . -5.79 3.36 2.21
NA NA J . 5.90 -7.61 3.99
NA NA B . -5.38 -5.44 5.83
NA NA C . -0.71 7.66 1.95
NA NA D . 0.58 -1.62 6.39
NA NA E . 9.45 -4.79 -5.24
NA NA F . 3.36 -4.53 -8.31
NA NA G . -7.57 0.64 -5.36
NA NA H . 10.08 5.00 0.55
NA NA I . 6.86 -3.78 0.93
NA NA J . -5.14 2.75 2.02
NA NA B . -10.15 2.54 1.36
NA NA C . -0.93 6.86 2.10
NA NA D . 4.99 -8.26 4.59
NA NA E . 8.92 -5.55 -6.26
NA NA F . 3.40 -5.22 -9.32
NA NA G . -12.11 5.50 -3.80
NA NA H . 8.18 0.56 2.61
NA NA I . -4.24 -4.66 7.15
NA NA J . -5.38 2.75 1.40
NA NA B . -11.36 3.07 -3.66
NA NA C . -0.65 7.41 2.02
NA NA D . -5.25 -4.90 6.05
NA NA E . 7.22 -4.23 0.54
NA NA F . 9.42 -5.52 -5.53
NA NA G . -5.72 2.91 1.92
NA NA H . 10.45 4.06 -0.11
NA NA I . 0.96 -1.97 6.67
NA NA J . -10.32 1.42 2.65
NA NA B . -12.05 3.02 -3.16
NA NA C . -0.73 8.11 2.15
NA NA D . -6.58 -3.28 -3.90
NA NA E . 6.57 -4.39 0.85
NA NA F . 9.01 -5.37 -5.56
NA NA G . -9.30 2.62 2.37
NA NA H . 10.16 2.65 0.63
NA NA I . -4.55 3.09 1.87
NA NA J . 0.30 -1.69 6.91
NA NA B . -6.55 -2.47 -4.57
NA NA C . 0.45 7.60 2.82
NA NA D . -2.77 -1.85 7.37
NA NA E . 10.79 3.19 -0.67
NA NA F . 8.78 -5.17 -5.39
NA NA G . -9.14 2.83 1.74
NA NA H . -3.21 9.94 -1.90
NA NA I . 6.37 -3.77 1.11
NA NA J . -12.76 4.08 -1.57
#